data_5XEO
#
_entry.id   5XEO
#
_cell.length_a   116.822
_cell.length_b   116.822
_cell.length_c   99.186
_cell.angle_alpha   90.00
_cell.angle_beta   90.00
_cell.angle_gamma   90.00
#
_symmetry.space_group_name_H-M   'P 43 21 2'
#
loop_
_entity.id
_entity.type
_entity.pdbx_description
1 polymer 'Cysteine synthase'
2 non-polymer "PYRIDOXAL-5'-PHOSPHATE"
3 non-polymer 'ACETATE ION'
4 non-polymer 'CALCIUM ION'
5 non-polymer DI(HYDROXYETHYL)ETHER
6 water water
#
_entity_poly.entity_id   1
_entity_poly.type   'polypeptide(L)'
_entity_poly.pdbx_seq_one_letter_code
;GPLGSLANSVIDLIGNTPLVKINNIDTFGNEIYVKLEGSNPGRSTKDRIALKMIEEAEKEGLIDKDTVIIEATSGNTGIG
LAMICAVKNYKLKIVMPDTMSIERIQLMRAYGTEVILTDGSLGMKACLEKLEELKKNEKKYFVPNQFTNVNNPKAHYETT
AEEILKDLNNKVDVFICGTGTGGSFSGTAKKLKEKLPNIKTFPVEPASSPLLSKGYIGPHKIQGMGMSIGGIPAVYDGSL
ADDILVCEDDDAFEMMRELSFKEGILGGISTGATFKAALDYSKENADKGLKIVVLSTDSGEKYLSNICDL
;
_entity_poly.pdbx_strand_id   A,B
#
loop_
_chem_comp.id
_chem_comp.type
_chem_comp.name
_chem_comp.formula
ACT non-polymer 'ACETATE ION' 'C2 H3 O2 -1'
CA non-polymer 'CALCIUM ION' 'Ca 2'
PEG non-polymer DI(HYDROXYETHYL)ETHER 'C4 H10 O3'
PLP non-polymer PYRIDOXAL-5'-PHOSPHATE 'C8 H10 N O6 P'
#
# COMPACT_ATOMS: atom_id res chain seq x y z
N GLY A 1 1.25 -6.37 -22.70
CA GLY A 1 2.10 -7.54 -23.01
C GLY A 1 2.12 -8.59 -21.89
N PRO A 2 2.73 -9.78 -22.14
CA PRO A 2 2.70 -10.96 -21.25
C PRO A 2 3.23 -10.75 -19.83
N LEU A 3 4.24 -9.90 -19.68
CA LEU A 3 4.78 -9.56 -18.34
C LEU A 3 4.30 -8.17 -17.86
N GLY A 4 3.16 -7.70 -18.39
CA GLY A 4 2.58 -6.42 -17.98
C GLY A 4 1.72 -6.57 -16.74
N SER A 5 1.26 -5.43 -16.22
CA SER A 5 0.36 -5.39 -15.08
C SER A 5 -0.99 -4.68 -15.39
N LEU A 6 -1.59 -4.93 -16.58
CA LEU A 6 -3.01 -4.56 -16.80
C LEU A 6 -3.95 -5.41 -15.90
N ALA A 7 -4.90 -4.79 -15.21
CA ALA A 7 -5.83 -5.49 -14.29
C ALA A 7 -7.27 -5.11 -14.61
N ASN A 8 -8.19 -6.07 -14.57
CA ASN A 8 -9.63 -5.79 -14.79
C ASN A 8 -10.25 -5.07 -13.63
N SER A 9 -9.79 -5.39 -12.42
CA SER A 9 -10.23 -4.74 -11.21
C SER A 9 -9.15 -4.94 -10.17
N VAL A 10 -9.35 -4.34 -9.00
CA VAL A 10 -8.39 -4.51 -7.93
C VAL A 10 -8.31 -5.97 -7.45
N ILE A 11 -9.35 -6.75 -7.70
CA ILE A 11 -9.30 -8.19 -7.43
C ILE A 11 -8.13 -8.89 -8.09
N ASP A 12 -7.80 -8.52 -9.33
CA ASP A 12 -6.64 -9.11 -9.98
C ASP A 12 -5.28 -8.77 -9.32
N LEU A 13 -5.25 -7.80 -8.41
CA LEU A 13 -4.02 -7.44 -7.71
C LEU A 13 -3.78 -8.27 -6.44
N ILE A 14 -4.74 -9.11 -6.07
CA ILE A 14 -4.64 -9.92 -4.87
C ILE A 14 -3.67 -11.04 -5.16
N GLY A 15 -2.76 -11.30 -4.21
CA GLY A 15 -1.80 -12.37 -4.39
C GLY A 15 -0.62 -11.97 -5.24
N ASN A 16 0.21 -12.95 -5.58
CA ASN A 16 1.46 -12.70 -6.31
C ASN A 16 2.32 -11.63 -5.64
N THR A 17 2.44 -11.74 -4.33
CA THR A 17 3.16 -10.76 -3.55
C THR A 17 4.67 -11.06 -3.57
N PRO A 18 5.50 -10.02 -3.44
CA PRO A 18 6.92 -10.24 -3.60
C PRO A 18 7.60 -10.83 -2.35
N LEU A 19 8.65 -11.57 -2.60
CA LEU A 19 9.57 -12.03 -1.55
C LEU A 19 10.78 -11.11 -1.58
N VAL A 20 11.16 -10.56 -0.44
CA VAL A 20 12.31 -9.69 -0.40
C VAL A 20 13.34 -10.26 0.58
N LYS A 21 14.57 -10.33 0.12
CA LYS A 21 15.68 -10.79 0.96
C LYS A 21 16.06 -9.74 2.01
N ILE A 22 16.42 -10.20 3.21
CA ILE A 22 16.93 -9.33 4.27
C ILE A 22 18.47 -9.19 4.11
N ASN A 23 18.94 -7.96 3.96
CA ASN A 23 20.36 -7.66 3.67
C ASN A 23 21.12 -6.87 4.72
N ASN A 24 20.43 -6.05 5.51
CA ASN A 24 21.11 -5.11 6.42
C ASN A 24 21.06 -5.61 7.85
N ILE A 25 19.97 -6.27 8.23
CA ILE A 25 19.86 -6.87 9.56
C ILE A 25 20.64 -8.18 9.54
N ASP A 26 21.35 -8.46 10.64
CA ASP A 26 22.13 -9.69 10.78
C ASP A 26 21.15 -10.85 10.93
N THR A 27 21.20 -11.76 9.98
CA THR A 27 20.38 -12.96 10.01
C THR A 27 21.18 -14.23 10.24
N PHE A 28 22.44 -14.05 10.64
CA PHE A 28 23.25 -15.11 11.25
C PHE A 28 23.59 -16.26 10.31
N GLY A 29 24.00 -15.91 9.11
CA GLY A 29 24.40 -16.87 8.11
C GLY A 29 23.30 -17.76 7.53
N ASN A 30 22.04 -17.40 7.76
CA ASN A 30 20.92 -18.00 7.04
C ASN A 30 20.24 -16.91 6.24
N GLU A 31 19.58 -17.29 5.16
CA GLU A 31 18.87 -16.33 4.30
C GLU A 31 17.41 -16.22 4.72
N ILE A 32 17.00 -15.01 5.13
CA ILE A 32 15.61 -14.72 5.50
C ILE A 32 14.98 -13.88 4.38
N TYR A 33 13.87 -14.40 3.85
CA TYR A 33 13.05 -13.74 2.82
C TYR A 33 11.69 -13.38 3.48
N VAL A 34 11.25 -12.13 3.34
CA VAL A 34 9.97 -11.69 3.86
C VAL A 34 8.99 -11.56 2.68
N LYS A 35 7.87 -12.26 2.81
CA LYS A 35 6.79 -12.22 1.85
C LYS A 35 5.84 -11.11 2.24
N LEU A 36 5.79 -10.07 1.40
CA LEU A 36 5.12 -8.83 1.80
C LEU A 36 3.65 -8.84 1.40
N GLU A 37 2.81 -9.37 2.28
CA GLU A 37 1.37 -9.36 2.05
C GLU A 37 0.72 -7.97 2.14
N GLY A 38 1.44 -6.99 2.69
CA GLY A 38 1.08 -5.61 2.58
C GLY A 38 0.97 -5.03 1.18
N SER A 39 1.59 -5.71 0.21
CA SER A 39 1.44 -5.44 -1.19
C SER A 39 0.06 -5.67 -1.76
N ASN A 40 -0.74 -6.53 -1.12
CA ASN A 40 -2.13 -6.73 -1.54
C ASN A 40 -2.86 -5.38 -1.57
N PRO A 41 -3.87 -5.23 -2.43
CA PRO A 41 -4.54 -3.92 -2.56
C PRO A 41 -5.29 -3.50 -1.30
N GLY A 42 -5.75 -4.43 -0.47
CA GLY A 42 -6.31 -4.07 0.84
C GLY A 42 -5.26 -4.04 1.92
N ARG A 43 -3.99 -4.22 1.55
CA ARG A 43 -2.82 -4.08 2.45
C ARG A 43 -2.60 -5.19 3.48
N SER A 44 -3.24 -6.32 3.26
CA SER A 44 -3.00 -7.50 4.09
C SER A 44 -3.27 -8.78 3.35
N THR A 45 -2.82 -9.88 3.94
CA THR A 45 -3.04 -11.20 3.42
C THR A 45 -4.54 -11.55 3.42
N LYS A 46 -5.32 -10.89 4.26
CA LYS A 46 -6.73 -11.19 4.38
C LYS A 46 -7.52 -10.94 3.10
N ASP A 47 -6.99 -10.13 2.17
CA ASP A 47 -7.60 -10.00 0.85
C ASP A 47 -7.77 -11.37 0.19
N ARG A 48 -6.77 -12.24 0.36
CA ARG A 48 -6.82 -13.58 -0.23
C ARG A 48 -7.98 -14.41 0.29
N ILE A 49 -8.24 -14.35 1.60
CA ILE A 49 -9.29 -15.14 2.23
C ILE A 49 -10.67 -14.47 2.02
N ALA A 50 -10.71 -13.14 2.02
CA ALA A 50 -11.93 -12.43 1.70
C ALA A 50 -12.36 -12.82 0.28
N LEU A 51 -11.41 -12.82 -0.65
CA LEU A 51 -11.71 -13.18 -2.04
C LEU A 51 -12.22 -14.63 -2.14
N LYS A 52 -11.47 -15.60 -1.57
CA LYS A 52 -11.89 -16.99 -1.70
C LYS A 52 -13.22 -17.28 -0.97
N MET A 53 -13.43 -16.70 0.21
CA MET A 53 -14.66 -16.97 0.95
C MET A 53 -15.87 -16.44 0.21
N ILE A 54 -15.73 -15.27 -0.40
CA ILE A 54 -16.83 -14.67 -1.14
C ILE A 54 -17.04 -15.42 -2.44
N GLU A 55 -15.99 -15.72 -3.19
CA GLU A 55 -16.17 -16.35 -4.49
C GLU A 55 -16.70 -17.78 -4.40
N GLU A 56 -16.25 -18.54 -3.40
CA GLU A 56 -16.80 -19.88 -3.17
C GLU A 56 -18.26 -19.81 -2.75
N ALA A 57 -18.64 -18.82 -1.96
CA ALA A 57 -20.03 -18.64 -1.59
C ALA A 57 -20.91 -18.25 -2.78
N GLU A 58 -20.42 -17.35 -3.65
CA GLU A 58 -21.11 -17.02 -4.91
C GLU A 58 -21.40 -18.28 -5.72
N LYS A 59 -20.35 -19.05 -5.93
CA LYS A 59 -20.44 -20.32 -6.61
C LYS A 59 -21.39 -21.35 -6.01
N GLU A 60 -21.47 -21.40 -4.69
CA GLU A 60 -22.45 -22.25 -4.00
C GLU A 60 -23.87 -21.76 -4.11
N GLY A 61 -24.07 -20.52 -4.55
CA GLY A 61 -25.36 -19.89 -4.50
C GLY A 61 -25.75 -19.32 -3.14
N LEU A 62 -24.80 -19.17 -2.21
CA LEU A 62 -25.07 -18.57 -0.93
C LEU A 62 -25.10 -17.03 -0.96
N ILE A 63 -24.59 -16.45 -2.03
CA ILE A 63 -24.62 -15.00 -2.23
C ILE A 63 -25.33 -14.65 -3.53
N ASP A 64 -26.50 -14.02 -3.43
CA ASP A 64 -27.21 -13.42 -4.54
C ASP A 64 -26.86 -11.91 -4.52
N LYS A 65 -27.25 -11.20 -5.56
CA LYS A 65 -26.99 -9.74 -5.60
C LYS A 65 -27.54 -8.97 -4.41
N ASP A 66 -28.61 -9.45 -3.78
CA ASP A 66 -29.17 -8.77 -2.62
C ASP A 66 -28.84 -9.44 -1.27
N THR A 67 -27.88 -10.36 -1.24
CA THR A 67 -27.44 -10.96 0.03
C THR A 67 -26.57 -9.97 0.77
N VAL A 68 -26.89 -9.73 2.04
CA VAL A 68 -26.02 -8.91 2.89
C VAL A 68 -24.88 -9.78 3.47
N ILE A 69 -23.63 -9.33 3.32
CA ILE A 69 -22.50 -10.05 3.89
C ILE A 69 -22.36 -9.49 5.29
N ILE A 70 -22.23 -10.35 6.29
CA ILE A 70 -22.15 -9.88 7.69
C ILE A 70 -21.00 -10.59 8.35
N GLU A 71 -20.10 -9.85 9.01
CA GLU A 71 -18.96 -10.47 9.71
C GLU A 71 -18.69 -9.65 10.97
N ALA A 72 -18.50 -10.35 12.11
CA ALA A 72 -18.14 -9.70 13.38
C ALA A 72 -16.64 -9.77 13.36
N THR A 73 -15.99 -8.64 13.11
CA THR A 73 -14.53 -8.58 13.06
C THR A 73 -14.09 -7.12 13.24
N SER A 74 -12.92 -6.90 13.84
CA SER A 74 -12.39 -5.53 13.97
C SER A 74 -11.12 -5.30 13.16
N GLY A 75 -10.69 -6.32 12.40
CA GLY A 75 -9.39 -6.33 11.76
C GLY A 75 -9.32 -6.30 10.24
N ASN A 76 -8.20 -6.81 9.74
CA ASN A 76 -7.92 -6.83 8.34
C ASN A 76 -8.91 -7.60 7.50
N THR A 77 -9.54 -8.63 8.11
CA THR A 77 -10.56 -9.33 7.35
C THR A 77 -11.74 -8.45 6.92
N GLY A 78 -12.19 -7.57 7.80
CA GLY A 78 -13.18 -6.58 7.49
C GLY A 78 -12.78 -5.67 6.34
N ILE A 79 -11.52 -5.26 6.30
CA ILE A 79 -11.01 -4.40 5.21
C ILE A 79 -11.02 -5.15 3.90
N GLY A 80 -10.52 -6.37 3.94
CA GLY A 80 -10.47 -7.23 2.78
C GLY A 80 -11.87 -7.49 2.24
N LEU A 81 -12.78 -7.85 3.10
CA LEU A 81 -14.17 -8.01 2.69
C LEU A 81 -14.78 -6.74 2.08
N ALA A 82 -14.52 -5.60 2.72
CA ALA A 82 -15.00 -4.31 2.27
C ALA A 82 -14.57 -3.98 0.85
N MET A 83 -13.28 -4.17 0.59
CA MET A 83 -12.74 -3.90 -0.75
C MET A 83 -13.37 -4.82 -1.81
N ILE A 84 -13.44 -6.11 -1.49
CA ILE A 84 -14.03 -7.12 -2.39
C ILE A 84 -15.51 -6.77 -2.65
N CYS A 85 -16.21 -6.43 -1.58
CA CYS A 85 -17.65 -6.12 -1.71
C CYS A 85 -17.92 -4.81 -2.46
N ALA A 86 -16.99 -3.87 -2.35
CA ALA A 86 -17.01 -2.66 -3.17
C ALA A 86 -16.96 -2.98 -4.65
N VAL A 87 -16.02 -3.83 -5.03
CA VAL A 87 -15.88 -4.21 -6.44
C VAL A 87 -17.11 -4.98 -6.93
N LYS A 88 -17.58 -5.90 -6.13
CA LYS A 88 -18.67 -6.81 -6.53
C LYS A 88 -20.08 -6.25 -6.30
N ASN A 89 -20.19 -5.07 -5.68
CA ASN A 89 -21.45 -4.44 -5.38
C ASN A 89 -22.32 -5.20 -4.36
N TYR A 90 -21.69 -5.87 -3.39
CA TYR A 90 -22.45 -6.49 -2.31
C TYR A 90 -22.51 -5.56 -1.10
N LYS A 91 -23.62 -5.58 -0.39
CA LYS A 91 -23.79 -4.88 0.85
C LYS A 91 -23.10 -5.64 1.99
N LEU A 92 -22.27 -4.93 2.77
CA LEU A 92 -21.47 -5.52 3.81
C LEU A 92 -21.79 -4.81 5.12
N LYS A 93 -22.03 -5.59 6.17
CA LYS A 93 -22.16 -5.04 7.51
C LYS A 93 -21.06 -5.69 8.34
N ILE A 94 -20.27 -4.89 9.05
CA ILE A 94 -19.24 -5.38 9.93
C ILE A 94 -19.60 -4.96 11.35
N VAL A 95 -19.64 -5.93 12.26
CA VAL A 95 -20.00 -5.68 13.67
C VAL A 95 -18.70 -5.65 14.43
N MET A 96 -18.47 -4.58 15.21
CA MET A 96 -17.33 -4.52 16.14
C MET A 96 -17.65 -3.57 17.32
N PRO A 97 -16.91 -3.67 18.45
CA PRO A 97 -17.18 -2.85 19.63
C PRO A 97 -16.98 -1.32 19.43
N ASP A 98 -17.74 -0.53 20.22
CA ASP A 98 -17.45 0.85 20.68
C ASP A 98 -15.99 1.29 20.64
N THR A 99 -15.15 0.40 21.16
CA THR A 99 -13.82 0.72 21.62
C THR A 99 -12.70 0.52 20.59
N MET A 100 -13.03 0.25 19.32
CA MET A 100 -11.97 0.06 18.32
C MET A 100 -11.51 1.36 17.63
N SER A 101 -10.32 1.27 17.04
CA SER A 101 -9.65 2.39 16.37
C SER A 101 -10.52 3.02 15.30
N ILE A 102 -10.49 4.35 15.21
CA ILE A 102 -11.04 5.01 14.02
C ILE A 102 -10.23 4.63 12.74
N GLU A 103 -8.94 4.30 12.89
CA GLU A 103 -8.08 3.88 11.76
C GLU A 103 -8.80 2.84 10.90
N ARG A 104 -9.10 1.69 11.51
CA ARG A 104 -9.75 0.61 10.79
C ARG A 104 -11.22 0.92 10.50
N ILE A 105 -11.91 1.63 11.39
CA ILE A 105 -13.31 1.94 11.15
C ILE A 105 -13.44 2.75 9.86
N GLN A 106 -12.61 3.79 9.74
CA GLN A 106 -12.63 4.67 8.57
C GLN A 106 -12.19 3.97 7.29
N LEU A 107 -11.22 3.07 7.36
CA LEU A 107 -10.81 2.31 6.19
C LEU A 107 -11.97 1.48 5.68
N MET A 108 -12.63 0.75 6.57
CA MET A 108 -13.81 -0.04 6.19
C MET A 108 -14.94 0.82 5.64
N ARG A 109 -15.19 1.96 6.28
CA ARG A 109 -16.23 2.89 5.81
C ARG A 109 -15.94 3.54 4.45
N ALA A 110 -14.66 3.75 4.15
CA ALA A 110 -14.22 4.28 2.86
C ALA A 110 -14.62 3.39 1.68
N TYR A 111 -14.66 2.08 1.91
CA TYR A 111 -15.15 1.11 0.93
C TYR A 111 -16.66 0.90 0.94
N GLY A 112 -17.38 1.60 1.81
CA GLY A 112 -18.85 1.60 1.84
C GLY A 112 -19.42 0.70 2.93
N THR A 113 -18.58 0.13 3.78
CA THR A 113 -19.05 -0.78 4.81
C THR A 113 -19.96 -0.09 5.81
N GLU A 114 -21.06 -0.75 6.20
CA GLU A 114 -21.83 -0.34 7.38
CA GLU A 114 -21.82 -0.31 7.38
C GLU A 114 -21.16 -0.91 8.60
N VAL A 115 -20.50 -0.07 9.38
CA VAL A 115 -19.91 -0.54 10.58
C VAL A 115 -20.93 -0.30 11.69
N ILE A 116 -21.32 -1.40 12.33
CA ILE A 116 -22.24 -1.37 13.46
C ILE A 116 -21.43 -1.56 14.76
N LEU A 117 -21.52 -0.59 15.67
CA LEU A 117 -20.75 -0.61 16.92
C LEU A 117 -21.56 -1.13 18.16
N THR A 118 -20.95 -2.03 18.93
CA THR A 118 -21.55 -2.63 20.15
C THR A 118 -20.78 -2.14 21.39
N ASP A 119 -20.99 -2.72 22.59
CA ASP A 119 -20.19 -2.35 23.80
C ASP A 119 -18.97 -3.27 24.01
N GLY A 120 -17.82 -2.63 24.25
CA GLY A 120 -16.57 -3.33 24.57
C GLY A 120 -16.42 -3.40 26.07
N GLY A 123 -17.90 -7.43 25.85
CA GLY A 123 -16.78 -8.00 25.09
C GLY A 123 -17.17 -8.40 23.66
N MET A 124 -16.58 -9.50 23.17
CA MET A 124 -16.97 -10.11 21.89
C MET A 124 -18.37 -10.72 21.98
N LYS A 125 -18.72 -11.22 23.16
CA LYS A 125 -20.09 -11.70 23.47
C LYS A 125 -21.21 -10.73 23.05
N ALA A 126 -21.02 -9.43 23.27
CA ALA A 126 -22.02 -8.41 22.90
C ALA A 126 -22.10 -8.18 21.38
N CYS A 127 -20.97 -8.37 20.69
CA CYS A 127 -20.92 -8.35 19.23
C CYS A 127 -21.76 -9.50 18.62
N LEU A 128 -21.61 -10.70 19.18
CA LEU A 128 -22.34 -11.89 18.71
C LEU A 128 -23.85 -11.73 18.86
N GLU A 129 -24.30 -11.09 19.93
CA GLU A 129 -25.74 -10.82 20.08
C GLU A 129 -26.25 -9.80 19.07
N LYS A 130 -25.45 -8.78 18.78
CA LYS A 130 -25.75 -7.88 17.67
C LYS A 130 -25.74 -8.64 16.34
N LEU A 131 -24.77 -9.54 16.17
CA LEU A 131 -24.69 -10.38 14.95
C LEU A 131 -25.98 -11.22 14.78
N GLU A 132 -26.45 -11.84 15.87
CA GLU A 132 -27.72 -12.56 15.86
C GLU A 132 -28.91 -11.64 15.60
N GLU A 133 -28.93 -10.47 16.23
CA GLU A 133 -29.98 -9.49 15.96
C GLU A 133 -30.04 -9.07 14.46
N LEU A 134 -28.88 -8.84 13.85
CA LEU A 134 -28.85 -8.42 12.43
C LEU A 134 -29.30 -9.54 11.49
N LYS A 135 -28.90 -10.77 11.80
CA LYS A 135 -29.35 -11.92 11.03
C LYS A 135 -30.86 -11.98 10.97
N LYS A 136 -31.48 -11.81 12.14
CA LYS A 136 -32.93 -11.83 12.30
C LYS A 136 -33.61 -10.72 11.50
N ASN A 137 -32.94 -9.57 11.37
CA ASN A 137 -33.46 -8.44 10.60
C ASN A 137 -33.27 -8.53 9.09
N GLU A 138 -32.42 -9.44 8.59
CA GLU A 138 -32.11 -9.53 7.16
C GLU A 138 -32.83 -10.70 6.51
N LYS A 139 -33.45 -10.46 5.36
CA LYS A 139 -34.03 -11.51 4.53
C LYS A 139 -33.00 -12.47 3.97
N LYS A 140 -31.83 -11.94 3.61
CA LYS A 140 -30.78 -12.74 2.97
C LYS A 140 -29.41 -12.35 3.51
N TYR A 141 -28.62 -13.33 3.95
CA TYR A 141 -27.28 -13.02 4.45
C TYR A 141 -26.34 -14.19 4.29
N PHE A 142 -25.06 -13.87 4.37
CA PHE A 142 -24.00 -14.82 4.37
C PHE A 142 -22.98 -14.29 5.40
N VAL A 143 -22.54 -15.18 6.29
CA VAL A 143 -21.52 -14.89 7.30
C VAL A 143 -20.27 -15.66 6.87
N PRO A 144 -19.19 -14.97 6.43
CA PRO A 144 -18.00 -15.71 5.99
C PRO A 144 -17.38 -16.61 7.06
N ASN A 145 -17.34 -16.09 8.28
CA ASN A 145 -16.71 -16.71 9.44
C ASN A 145 -15.31 -17.21 9.20
N GLN A 146 -14.38 -16.28 9.24
CA GLN A 146 -12.96 -16.59 9.01
C GLN A 146 -12.39 -17.67 9.95
N PHE A 147 -12.96 -17.78 11.14
CA PHE A 147 -12.46 -18.77 12.13
C PHE A 147 -12.80 -20.25 11.83
N THR A 148 -13.86 -20.47 11.04
CA THR A 148 -14.38 -21.82 10.69
C THR A 148 -14.39 -22.16 9.20
N ASN A 149 -14.31 -21.13 8.35
CA ASN A 149 -14.41 -21.30 6.92
C ASN A 149 -13.11 -21.84 6.36
N VAL A 150 -13.17 -23.07 5.86
CA VAL A 150 -12.01 -23.72 5.30
C VAL A 150 -11.45 -23.00 4.08
N ASN A 151 -12.21 -22.10 3.48
CA ASN A 151 -11.69 -21.28 2.38
C ASN A 151 -10.65 -20.24 2.83
N ASN A 152 -10.57 -20.02 4.14
CA ASN A 152 -9.46 -19.27 4.74
C ASN A 152 -8.15 -20.04 4.51
N PRO A 153 -7.94 -21.21 5.17
CA PRO A 153 -6.69 -21.91 4.86
C PRO A 153 -6.52 -22.38 3.41
N LYS A 154 -7.60 -22.80 2.75
CA LYS A 154 -7.49 -23.23 1.34
C LYS A 154 -6.92 -22.14 0.43
N ALA A 155 -7.25 -20.87 0.68
CA ALA A 155 -6.73 -19.80 -0.19
C ALA A 155 -5.19 -19.75 -0.14
N HIS A 156 -4.65 -19.89 1.06
CA HIS A 156 -3.21 -19.90 1.28
C HIS A 156 -2.52 -21.18 0.75
N TYR A 157 -3.19 -22.32 0.96
CA TYR A 157 -2.74 -23.58 0.37
C TYR A 157 -2.62 -23.45 -1.15
N GLU A 158 -3.63 -22.83 -1.76
CA GLU A 158 -3.67 -22.69 -3.25
C GLU A 158 -2.79 -21.60 -3.86
N THR A 159 -2.58 -20.50 -3.15
CA THR A 159 -1.88 -19.35 -3.74
C THR A 159 -0.61 -19.02 -2.98
N THR A 160 -0.74 -18.58 -1.73
CA THR A 160 0.42 -18.14 -0.92
C THR A 160 1.59 -19.14 -0.98
N ALA A 161 1.30 -20.38 -0.67
CA ALA A 161 2.31 -21.46 -0.66
C ALA A 161 2.89 -21.73 -2.05
N GLU A 162 2.06 -21.69 -3.09
CA GLU A 162 2.56 -21.90 -4.47
C GLU A 162 3.49 -20.80 -4.93
N GLU A 163 3.25 -19.59 -4.49
CA GLU A 163 4.10 -18.45 -4.84
C GLU A 163 5.48 -18.55 -4.18
N ILE A 164 5.48 -18.93 -2.91
CA ILE A 164 6.71 -19.21 -2.15
C ILE A 164 7.54 -20.31 -2.85
N LEU A 165 6.90 -21.42 -3.26
CA LEU A 165 7.62 -22.49 -3.96
C LEU A 165 8.18 -22.02 -5.29
N LYS A 166 7.38 -21.29 -6.06
CA LYS A 166 7.83 -20.81 -7.34
C LYS A 166 8.97 -19.81 -7.20
N ASP A 167 8.84 -18.83 -6.30
CA ASP A 167 9.81 -17.75 -6.22
C ASP A 167 11.18 -18.25 -5.75
N LEU A 168 11.20 -19.25 -4.88
CA LEU A 168 12.48 -19.82 -4.41
C LEU A 168 12.85 -21.16 -5.09
N ASN A 169 12.25 -21.46 -6.26
CA ASN A 169 12.53 -22.68 -7.04
C ASN A 169 12.59 -23.92 -6.14
N ASN A 170 11.56 -24.09 -5.31
CA ASN A 170 11.43 -25.20 -4.36
C ASN A 170 12.51 -25.35 -3.29
N LYS A 171 13.26 -24.28 -3.03
CA LYS A 171 14.34 -24.27 -2.04
C LYS A 171 13.88 -23.49 -0.82
N VAL A 172 13.09 -24.15 0.02
CA VAL A 172 12.58 -23.58 1.25
C VAL A 172 12.81 -24.54 2.38
N ASP A 173 13.53 -24.11 3.41
CA ASP A 173 13.81 -24.95 4.57
C ASP A 173 12.92 -24.69 5.76
N VAL A 174 12.50 -23.43 5.93
CA VAL A 174 11.77 -23.03 7.09
C VAL A 174 10.69 -22.02 6.65
N PHE A 175 9.48 -22.17 7.19
CA PHE A 175 8.40 -21.21 7.03
C PHE A 175 7.89 -20.83 8.42
N ILE A 176 7.79 -19.52 8.68
CA ILE A 176 7.39 -18.99 9.97
C ILE A 176 6.29 -17.94 9.74
N CYS A 177 5.22 -18.02 10.52
CA CYS A 177 3.99 -17.26 10.25
C CYS A 177 3.26 -16.95 11.53
N GLY A 178 2.81 -15.70 11.71
CA GLY A 178 2.00 -15.34 12.85
C GLY A 178 0.61 -15.97 12.81
N THR A 179 -0.03 -16.17 13.97
CA THR A 179 -1.35 -16.77 14.01
C THR A 179 -2.36 -15.92 14.72
N GLY A 180 -3.56 -15.91 14.14
CA GLY A 180 -4.76 -15.34 14.71
C GLY A 180 -5.88 -16.35 14.49
N THR A 181 -6.38 -16.43 13.26
CA THR A 181 -7.24 -17.55 12.89
C THR A 181 -6.46 -18.85 12.80
N GLY A 182 -5.20 -18.73 12.42
CA GLY A 182 -4.36 -19.85 12.12
C GLY A 182 -4.42 -20.29 10.68
N GLY A 183 -5.16 -19.58 9.83
CA GLY A 183 -5.36 -20.02 8.46
C GLY A 183 -4.19 -19.84 7.55
N SER A 184 -3.51 -18.69 7.63
CA SER A 184 -2.34 -18.46 6.80
C SER A 184 -1.24 -19.45 7.15
N PHE A 185 -1.00 -19.67 8.45
CA PHE A 185 -0.01 -20.70 8.83
C PHE A 185 -0.40 -22.10 8.31
N SER A 186 -1.63 -22.49 8.61
CA SER A 186 -2.05 -23.88 8.39
C SER A 186 -2.24 -24.21 6.91
N GLY A 187 -2.88 -23.30 6.16
CA GLY A 187 -2.98 -23.49 4.72
C GLY A 187 -1.66 -23.53 4.00
N THR A 188 -0.80 -22.58 4.32
CA THR A 188 0.50 -22.50 3.64
C THR A 188 1.40 -23.72 4.02
N ALA A 189 1.50 -24.01 5.30
CA ALA A 189 2.37 -25.11 5.77
C ALA A 189 1.89 -26.44 5.21
N LYS A 190 0.57 -26.63 5.10
CA LYS A 190 0.04 -27.88 4.53
C LYS A 190 0.61 -28.14 3.16
N LYS A 191 0.52 -27.13 2.28
CA LYS A 191 0.97 -27.24 0.93
C LYS A 191 2.49 -27.40 0.84
N LEU A 192 3.20 -26.58 1.59
CA LEU A 192 4.67 -26.67 1.56
C LEU A 192 5.17 -28.05 1.99
N LYS A 193 4.55 -28.62 3.04
CA LYS A 193 4.94 -29.94 3.51
C LYS A 193 4.62 -31.06 2.51
N GLU A 194 3.49 -30.97 1.79
CA GLU A 194 3.19 -31.89 0.69
C GLU A 194 4.22 -31.90 -0.43
N LYS A 195 4.75 -30.73 -0.79
CA LYS A 195 5.76 -30.63 -1.84
C LYS A 195 7.17 -30.82 -1.32
N LEU A 196 7.42 -30.51 -0.04
CA LEU A 196 8.75 -30.54 0.57
C LEU A 196 8.65 -31.22 1.93
N PRO A 197 8.87 -32.56 1.98
CA PRO A 197 8.71 -33.26 3.27
C PRO A 197 9.68 -32.86 4.39
N ASN A 198 10.88 -32.35 4.07
CA ASN A 198 11.86 -31.88 5.11
C ASN A 198 11.64 -30.47 5.69
N ILE A 199 10.72 -29.69 5.12
CA ILE A 199 10.54 -28.29 5.57
C ILE A 199 10.03 -28.26 7.00
N LYS A 200 10.49 -27.30 7.79
CA LYS A 200 9.96 -27.04 9.11
C LYS A 200 9.00 -25.87 8.98
N THR A 201 7.87 -25.95 9.67
CA THR A 201 6.84 -24.92 9.67
C THR A 201 6.43 -24.56 11.10
N PHE A 202 6.52 -23.27 11.41
CA PHE A 202 6.30 -22.78 12.75
C PHE A 202 5.27 -21.63 12.80
N PRO A 203 4.23 -21.79 13.63
CA PRO A 203 3.35 -20.71 13.96
C PRO A 203 3.97 -19.83 15.07
N VAL A 204 3.58 -18.56 15.10
CA VAL A 204 3.98 -17.64 16.16
C VAL A 204 2.74 -17.15 16.86
N GLU A 205 2.81 -17.05 18.18
CA GLU A 205 1.74 -16.47 18.97
C GLU A 205 2.31 -15.41 19.90
N PRO A 206 1.46 -14.54 20.44
CA PRO A 206 1.95 -13.55 21.40
C PRO A 206 2.43 -14.20 22.69
N ALA A 207 3.61 -13.79 23.15
CA ALA A 207 4.14 -14.32 24.41
C ALA A 207 3.20 -14.04 25.57
N SER A 208 2.50 -12.91 25.57
CA SER A 208 1.54 -12.64 26.65
C SER A 208 0.12 -13.15 26.39
N SER A 209 -0.09 -13.94 25.33
CA SER A 209 -1.34 -14.71 25.11
C SER A 209 -0.94 -16.05 24.53
N PRO A 210 -0.23 -16.87 25.35
CA PRO A 210 0.35 -18.09 24.89
C PRO A 210 -0.66 -19.27 24.94
N LEU A 211 -1.76 -19.15 24.20
CA LEU A 211 -2.79 -20.20 24.21
C LEU A 211 -2.27 -21.56 23.79
N LEU A 212 -1.57 -21.62 22.67
CA LEU A 212 -1.10 -22.89 22.11
C LEU A 212 0.06 -23.51 22.89
N SER A 213 0.94 -22.64 23.41
CA SER A 213 2.14 -23.10 24.10
C SER A 213 1.88 -23.34 25.58
N LYS A 214 0.99 -22.57 26.22
CA LYS A 214 0.75 -22.68 27.68
C LYS A 214 -0.71 -22.80 28.13
N GLY A 215 -1.68 -22.77 27.22
CA GLY A 215 -3.07 -23.03 27.56
C GLY A 215 -3.79 -21.89 28.23
N TYR A 216 -3.33 -20.64 28.04
CA TYR A 216 -4.12 -19.53 28.51
C TYR A 216 -4.02 -18.30 27.64
N ILE A 217 -4.97 -17.41 27.87
CA ILE A 217 -5.12 -16.14 27.18
C ILE A 217 -4.68 -15.01 28.08
N GLY A 218 -4.09 -14.00 27.46
CA GLY A 218 -3.79 -12.75 28.10
C GLY A 218 -3.80 -11.56 27.16
N PRO A 219 -3.66 -10.36 27.71
CA PRO A 219 -3.64 -9.16 26.92
C PRO A 219 -2.32 -9.06 26.16
N HIS A 220 -2.39 -8.59 24.92
CA HIS A 220 -1.20 -8.34 24.13
C HIS A 220 -1.50 -7.18 23.17
N LYS A 221 -0.48 -6.75 22.46
CA LYS A 221 -0.58 -5.64 21.54
C LYS A 221 -0.18 -6.00 20.10
N ILE A 222 -0.04 -7.29 19.81
CA ILE A 222 0.35 -7.72 18.48
C ILE A 222 -0.93 -7.84 17.64
N GLN A 223 -1.39 -6.70 17.12
CA GLN A 223 -2.69 -6.64 16.40
C GLN A 223 -2.78 -7.67 15.26
N GLY A 224 -3.89 -8.41 15.24
CA GLY A 224 -4.13 -9.47 14.27
C GLY A 224 -3.73 -10.85 14.75
N MET A 225 -2.82 -10.93 15.73
CA MET A 225 -2.44 -12.23 16.24
C MET A 225 -3.20 -12.49 17.55
N GLY A 226 -3.05 -13.69 18.10
CA GLY A 226 -3.70 -14.06 19.33
C GLY A 226 -5.06 -14.70 19.11
N MET A 227 -5.43 -15.58 20.03
CA MET A 227 -6.70 -16.29 19.96
C MET A 227 -7.50 -15.89 21.20
N SER A 228 -8.71 -16.37 21.34
CA SER A 228 -9.56 -15.99 22.49
C SER A 228 -9.87 -17.30 23.25
N ILE A 229 -10.48 -17.23 24.44
CA ILE A 229 -11.12 -18.47 25.00
C ILE A 229 -12.60 -18.23 25.28
N GLY A 230 -13.47 -18.54 24.32
CA GLY A 230 -13.14 -18.87 22.93
C GLY A 230 -12.57 -20.27 22.70
N GLY A 231 -11.33 -20.29 22.23
CA GLY A 231 -10.61 -21.52 21.99
C GLY A 231 -9.80 -21.40 20.72
N ILE A 232 -9.17 -22.49 20.36
CA ILE A 232 -8.37 -22.58 19.17
C ILE A 232 -9.32 -22.66 17.95
N PRO A 233 -9.13 -21.79 16.94
CA PRO A 233 -10.04 -21.81 15.78
C PRO A 233 -10.02 -23.11 15.01
N ALA A 234 -11.14 -23.48 14.39
CA ALA A 234 -11.23 -24.74 13.62
C ALA A 234 -10.23 -24.83 12.50
N VAL A 235 -9.91 -23.68 11.89
CA VAL A 235 -9.03 -23.66 10.74
C VAL A 235 -7.54 -23.76 11.09
N TYR A 236 -7.19 -23.67 12.37
CA TYR A 236 -5.79 -23.90 12.80
C TYR A 236 -5.50 -25.39 12.87
N ASP A 237 -4.46 -25.84 12.19
CA ASP A 237 -4.06 -27.23 12.22
C ASP A 237 -2.72 -27.36 12.94
N GLY A 238 -2.82 -27.59 14.25
CA GLY A 238 -1.64 -27.78 15.10
C GLY A 238 -0.75 -28.97 14.77
N SER A 239 -1.25 -29.94 14.01
CA SER A 239 -0.43 -31.10 13.66
C SER A 239 0.65 -30.73 12.66
N LEU A 240 0.51 -29.58 12.00
CA LEU A 240 1.59 -29.03 11.13
C LEU A 240 2.74 -28.30 11.85
N ALA A 241 2.56 -27.92 13.11
CA ALA A 241 3.54 -27.07 13.82
C ALA A 241 4.72 -27.87 14.37
N ASP A 242 5.90 -27.64 13.81
CA ASP A 242 7.13 -28.27 14.33
C ASP A 242 7.48 -27.81 15.76
N ASP A 243 7.07 -26.60 16.13
CA ASP A 243 7.18 -26.03 17.48
C ASP A 243 6.27 -24.79 17.47
N ILE A 244 5.95 -24.22 18.63
CA ILE A 244 5.21 -22.97 18.73
C ILE A 244 6.26 -21.90 19.06
N LEU A 245 6.38 -20.82 18.29
CA LEU A 245 7.29 -19.70 18.65
C LEU A 245 6.48 -18.59 19.23
N VAL A 246 7.10 -17.74 20.04
CA VAL A 246 6.41 -16.63 20.67
C VAL A 246 7.16 -15.34 20.48
N CYS A 247 6.48 -14.25 20.74
CA CYS A 247 7.13 -12.94 20.77
C CYS A 247 6.43 -12.04 21.75
N GLU A 248 7.22 -11.35 22.59
CA GLU A 248 6.69 -10.31 23.46
C GLU A 248 6.32 -9.04 22.68
N ASP A 249 5.40 -8.27 23.27
CA ASP A 249 4.92 -7.02 22.73
C ASP A 249 6.07 -6.07 22.40
N ASP A 250 6.92 -5.84 23.40
CA ASP A 250 8.04 -4.91 23.28
C ASP A 250 8.96 -5.28 22.14
N ASP A 251 9.32 -6.55 22.03
CA ASP A 251 10.20 -7.01 20.96
C ASP A 251 9.56 -6.92 19.56
N ALA A 252 8.25 -7.14 19.49
CA ALA A 252 7.53 -7.01 18.20
C ALA A 252 7.58 -5.56 17.67
N PHE A 253 7.30 -4.58 18.53
CA PHE A 253 7.44 -3.17 18.19
C PHE A 253 8.86 -2.78 17.82
N GLU A 254 9.84 -3.23 18.60
CA GLU A 254 11.22 -2.94 18.29
C GLU A 254 11.62 -3.49 16.93
N MET A 255 11.22 -4.72 16.64
CA MET A 255 11.59 -5.31 15.37
C MET A 255 10.86 -4.65 14.19
N MET A 256 9.62 -4.22 14.41
CA MET A 256 8.87 -3.47 13.40
C MET A 256 9.66 -2.22 13.00
N ARG A 257 10.13 -1.52 14.02
CA ARG A 257 10.95 -0.34 13.82
C ARG A 257 12.27 -0.64 13.13
N GLU A 258 12.89 -1.76 13.49
CA GLU A 258 14.16 -2.14 12.91
CA GLU A 258 14.17 -2.13 12.92
C GLU A 258 14.03 -2.45 11.42
N LEU A 259 12.93 -3.12 11.06
CA LEU A 259 12.67 -3.47 9.68
C LEU A 259 12.51 -2.19 8.83
N SER A 260 11.79 -1.20 9.33
CA SER A 260 11.61 0.02 8.53
C SER A 260 12.92 0.83 8.49
N PHE A 261 13.62 0.93 9.61
CA PHE A 261 14.89 1.70 9.66
C PHE A 261 15.99 1.13 8.79
N LYS A 262 16.17 -0.17 8.87
CA LYS A 262 17.29 -0.85 8.23
C LYS A 262 17.00 -1.48 6.89
N GLU A 263 15.75 -1.85 6.61
CA GLU A 263 15.39 -2.49 5.34
C GLU A 263 14.41 -1.68 4.48
N GLY A 264 13.82 -0.62 5.02
CA GLY A 264 12.80 0.11 4.32
C GLY A 264 11.52 -0.72 4.13
N ILE A 265 11.29 -1.70 5.01
CA ILE A 265 10.12 -2.57 5.01
C ILE A 265 9.24 -2.09 6.15
N LEU A 266 8.07 -1.56 5.79
CA LEU A 266 7.12 -1.06 6.76
C LEU A 266 6.03 -2.09 6.89
N GLY A 267 6.21 -3.01 7.81
CA GLY A 267 5.24 -4.04 8.13
C GLY A 267 4.51 -3.70 9.40
N GLY A 268 3.42 -4.43 9.64
CA GLY A 268 2.64 -4.24 10.83
C GLY A 268 3.34 -4.82 12.04
N ILE A 269 2.63 -4.79 13.15
CA ILE A 269 3.14 -5.27 14.43
C ILE A 269 3.36 -6.76 14.37
N SER A 270 2.47 -7.49 13.69
CA SER A 270 2.62 -8.93 13.58
C SER A 270 3.82 -9.31 12.75
N THR A 271 4.20 -8.45 11.79
CA THR A 271 5.39 -8.70 10.97
C THR A 271 6.65 -8.57 11.86
N GLY A 272 6.64 -7.57 12.72
CA GLY A 272 7.69 -7.43 13.74
C GLY A 272 7.79 -8.64 14.64
N ALA A 273 6.65 -9.15 15.11
CA ALA A 273 6.60 -10.33 15.99
C ALA A 273 7.13 -11.58 15.28
N THR A 274 6.64 -11.81 14.06
CA THR A 274 6.98 -12.97 13.28
C THR A 274 8.43 -12.93 12.83
N PHE A 275 8.90 -11.75 12.45
CA PHE A 275 10.27 -11.60 12.04
C PHE A 275 11.24 -11.79 13.24
N LYS A 276 10.88 -11.28 14.41
CA LYS A 276 11.68 -11.44 15.65
C LYS A 276 11.80 -12.95 15.99
N ALA A 277 10.69 -13.67 15.90
CA ALA A 277 10.67 -15.13 16.08
C ALA A 277 11.57 -15.83 15.09
N ALA A 278 11.57 -15.39 13.83
CA ALA A 278 12.43 -16.02 12.82
C ALA A 278 13.90 -15.71 13.02
N LEU A 279 14.19 -14.50 13.52
CA LEU A 279 15.57 -14.13 13.86
C LEU A 279 16.11 -14.98 15.01
N ASP A 280 15.30 -15.17 16.03
CA ASP A 280 15.64 -16.03 17.17
C ASP A 280 15.83 -17.46 16.74
N TYR A 281 15.04 -17.89 15.76
CA TYR A 281 15.19 -19.21 15.19
C TYR A 281 16.47 -19.29 14.37
N SER A 282 16.74 -18.28 13.53
CA SER A 282 17.91 -18.33 12.67
C SER A 282 19.22 -18.32 13.49
N LYS A 283 19.19 -17.62 14.62
CA LYS A 283 20.35 -17.56 15.51
C LYS A 283 20.66 -18.91 16.17
N GLU A 284 19.62 -19.63 16.63
CA GLU A 284 19.78 -21.02 17.10
C GLU A 284 20.24 -21.99 16.02
N ASN A 285 20.28 -21.56 14.74
CA ASN A 285 20.65 -22.40 13.62
C ASN A 285 21.64 -21.69 12.70
N ALA A 286 22.55 -20.93 13.30
CA ALA A 286 23.44 -20.03 12.54
C ALA A 286 24.33 -20.71 11.50
N ASP A 287 24.51 -20.02 10.39
CA ASP A 287 25.43 -20.40 9.32
C ASP A 287 25.15 -21.73 8.63
N LYS A 288 23.87 -22.09 8.61
CA LYS A 288 23.45 -23.31 7.94
C LYS A 288 23.01 -23.10 6.52
N GLY A 289 23.05 -21.85 6.05
CA GLY A 289 22.52 -21.48 4.74
C GLY A 289 21.06 -21.88 4.56
N LEU A 290 20.30 -21.92 5.67
CA LEU A 290 18.85 -22.19 5.64
C LEU A 290 18.11 -21.07 4.92
N LYS A 291 17.16 -21.45 4.07
CA LYS A 291 16.29 -20.47 3.41
C LYS A 291 15.02 -20.41 4.24
N ILE A 292 14.87 -19.30 4.94
CA ILE A 292 13.76 -19.09 5.87
C ILE A 292 12.78 -18.05 5.28
N VAL A 293 11.51 -18.41 5.21
CA VAL A 293 10.46 -17.51 4.69
C VAL A 293 9.61 -17.08 5.85
N VAL A 294 9.46 -15.78 5.98
CA VAL A 294 8.58 -15.17 6.95
C VAL A 294 7.43 -14.50 6.20
N LEU A 295 6.21 -14.73 6.66
CA LEU A 295 5.05 -14.02 6.12
C LEU A 295 4.87 -12.72 6.88
N SER A 296 4.94 -11.60 6.15
CA SER A 296 4.60 -10.29 6.65
C SER A 296 3.11 -10.09 6.30
N THR A 297 2.25 -10.14 7.31
CA THR A 297 0.81 -10.22 7.10
C THR A 297 0.17 -8.92 6.62
N ASP A 298 0.62 -7.76 7.10
CA ASP A 298 0.10 -6.49 6.58
C ASP A 298 1.17 -5.43 6.60
N SER A 299 0.86 -4.30 6.01
CA SER A 299 1.81 -3.21 5.96
C SER A 299 1.58 -2.43 7.22
N GLY A 300 2.54 -1.57 7.55
CA GLY A 300 2.59 -0.91 8.83
C GLY A 300 1.90 0.42 8.95
N GLU A 301 1.41 0.97 7.83
CA GLU A 301 0.91 2.37 7.83
C GLU A 301 -0.17 2.59 8.88
N LYS A 302 -1.13 1.66 8.95
CA LYS A 302 -2.29 1.80 9.84
C LYS A 302 -1.93 1.85 11.34
N TYR A 303 -0.73 1.39 11.74
CA TYR A 303 -0.31 1.35 13.15
C TYR A 303 0.51 2.56 13.54
N LEU A 304 0.86 3.42 12.58
CA LEU A 304 1.55 4.67 12.88
C LEU A 304 0.53 5.66 13.44
N LEU B 6 12.08 -13.24 -6.64
CA LEU B 6 12.80 -12.50 -5.57
C LEU B 6 13.01 -11.02 -5.86
N ALA B 7 13.24 -10.28 -4.78
CA ALA B 7 13.76 -8.92 -4.79
C ALA B 7 14.94 -8.90 -3.82
N ASN B 8 16.02 -8.22 -4.16
CA ASN B 8 17.12 -8.04 -3.20
C ASN B 8 16.82 -7.00 -2.14
N SER B 9 15.96 -6.02 -2.45
CA SER B 9 15.54 -5.05 -1.46
C SER B 9 14.22 -4.45 -1.94
N VAL B 10 13.60 -3.63 -1.12
CA VAL B 10 12.38 -2.93 -1.53
C VAL B 10 12.60 -2.03 -2.74
N ILE B 11 13.86 -1.63 -3.00
CA ILE B 11 14.17 -0.86 -4.21
C ILE B 11 13.75 -1.58 -5.49
N ASP B 12 13.93 -2.91 -5.53
CA ASP B 12 13.45 -3.73 -6.66
C ASP B 12 11.94 -3.77 -6.84
N LEU B 13 11.18 -3.29 -5.86
CA LEU B 13 9.74 -3.26 -5.98
C LEU B 13 9.22 -1.94 -6.50
N ILE B 14 10.11 -0.97 -6.73
CA ILE B 14 9.68 0.36 -7.19
C ILE B 14 9.26 0.25 -8.65
N GLY B 15 8.16 0.89 -9.00
CA GLY B 15 7.68 0.86 -10.38
C GLY B 15 6.93 -0.43 -10.74
N ASN B 16 6.74 -0.64 -12.03
CA ASN B 16 5.93 -1.77 -12.53
C ASN B 16 4.60 -1.84 -11.80
N THR B 17 3.97 -0.69 -11.66
CA THR B 17 2.71 -0.61 -10.94
C THR B 17 1.53 -1.04 -11.80
N PRO B 18 0.44 -1.46 -11.16
CA PRO B 18 -0.71 -1.94 -11.93
C PRO B 18 -1.49 -0.83 -12.60
N LEU B 19 -2.12 -1.18 -13.70
CA LEU B 19 -3.00 -0.29 -14.44
C LEU B 19 -4.36 -0.97 -14.40
N VAL B 20 -5.34 -0.36 -13.74
CA VAL B 20 -6.65 -1.00 -13.45
C VAL B 20 -7.80 -0.32 -14.20
N LYS B 21 -8.63 -1.15 -14.82
CA LYS B 21 -9.78 -0.68 -15.56
C LYS B 21 -10.89 -0.27 -14.60
N ILE B 22 -11.58 0.79 -14.93
CA ILE B 22 -12.74 1.26 -14.17
C ILE B 22 -14.00 0.53 -14.68
N ASN B 23 -14.70 -0.17 -13.79
CA ASN B 23 -15.82 -1.07 -14.16
C ASN B 23 -17.22 -0.70 -13.70
N ASN B 24 -17.34 -0.06 -12.54
CA ASN B 24 -18.64 0.28 -11.98
C ASN B 24 -19.04 1.74 -12.20
N ILE B 25 -18.06 2.66 -12.22
CA ILE B 25 -18.36 4.06 -12.53
C ILE B 25 -18.65 4.15 -14.01
N ASP B 26 -19.71 4.88 -14.37
CA ASP B 26 -20.04 5.10 -15.77
C ASP B 26 -18.97 6.00 -16.37
N THR B 27 -18.24 5.51 -17.34
CA THR B 27 -17.18 6.31 -17.98
C THR B 27 -17.55 6.79 -19.39
N PHE B 28 -18.85 6.74 -19.72
CA PHE B 28 -19.38 7.42 -20.90
C PHE B 28 -18.86 6.94 -22.21
N GLY B 29 -18.83 5.62 -22.38
CA GLY B 29 -18.39 5.01 -23.64
C GLY B 29 -16.91 5.16 -24.02
N ASN B 30 -16.08 5.52 -23.04
CA ASN B 30 -14.63 5.45 -23.15
C ASN B 30 -14.16 4.50 -22.02
N GLU B 31 -12.97 3.95 -22.18
CA GLU B 31 -12.39 3.11 -21.15
C GLU B 31 -11.44 3.96 -20.35
N ILE B 32 -11.62 3.96 -19.03
CA ILE B 32 -10.68 4.61 -18.14
C ILE B 32 -9.88 3.59 -17.35
N TYR B 33 -8.55 3.74 -17.38
CA TYR B 33 -7.61 2.95 -16.60
C TYR B 33 -6.86 3.83 -15.62
N VAL B 34 -6.70 3.36 -14.38
CA VAL B 34 -6.00 4.12 -13.35
C VAL B 34 -4.68 3.42 -13.06
N LYS B 35 -3.60 4.15 -13.18
CA LYS B 35 -2.26 3.61 -12.89
C LYS B 35 -2.01 3.86 -11.42
N LEU B 36 -1.92 2.78 -10.65
CA LEU B 36 -1.88 2.86 -9.20
C LEU B 36 -0.45 3.00 -8.63
N GLU B 37 0.04 4.24 -8.57
CA GLU B 37 1.35 4.53 -8.00
C GLU B 37 1.42 4.38 -6.48
N GLY B 38 0.24 4.34 -5.85
CA GLY B 38 0.11 3.84 -4.49
C GLY B 38 0.63 2.44 -4.21
N SER B 39 0.78 1.62 -5.25
CA SER B 39 1.37 0.29 -5.10
C SER B 39 2.85 0.25 -4.95
N ASN B 40 3.53 1.36 -5.25
CA ASN B 40 4.95 1.48 -4.95
C ASN B 40 5.17 1.22 -3.45
N PRO B 41 6.37 0.71 -3.08
CA PRO B 41 6.64 0.40 -1.67
C PRO B 41 6.51 1.61 -0.73
N GLY B 42 6.87 2.80 -1.19
CA GLY B 42 6.66 4.03 -0.45
C GLY B 42 5.29 4.66 -0.58
N ARG B 43 4.40 4.00 -1.32
CA ARG B 43 2.99 4.35 -1.45
C ARG B 43 2.73 5.61 -2.31
N SER B 44 3.71 6.01 -3.11
CA SER B 44 3.52 7.12 -4.06
C SER B 44 4.44 6.97 -5.25
N THR B 45 4.07 7.68 -6.33
CA THR B 45 4.91 7.74 -7.49
C THR B 45 6.33 8.30 -7.20
N LYS B 46 6.46 9.06 -6.11
CA LYS B 46 7.71 9.75 -5.77
C LYS B 46 8.86 8.79 -5.45
N ASP B 47 8.57 7.52 -5.11
CA ASP B 47 9.59 6.48 -5.03
C ASP B 47 10.46 6.50 -6.30
N ARG B 48 9.82 6.68 -7.46
CA ARG B 48 10.55 6.64 -8.73
C ARG B 48 11.60 7.75 -8.87
N ILE B 49 11.23 8.95 -8.49
CA ILE B 49 12.09 10.09 -8.61
C ILE B 49 13.13 10.13 -7.47
N ALA B 50 12.73 9.72 -6.26
CA ALA B 50 13.68 9.52 -5.15
C ALA B 50 14.81 8.60 -5.60
N LEU B 51 14.45 7.47 -6.20
CA LEU B 51 15.41 6.50 -6.61
C LEU B 51 16.34 7.05 -7.71
N LYS B 52 15.77 7.64 -8.74
CA LYS B 52 16.59 8.16 -9.83
C LYS B 52 17.45 9.35 -9.40
N MET B 53 16.91 10.32 -8.65
CA MET B 53 17.71 11.47 -8.22
C MET B 53 18.90 10.96 -7.37
N ILE B 54 18.64 10.00 -6.48
CA ILE B 54 19.72 9.44 -5.66
C ILE B 54 20.73 8.63 -6.48
N GLU B 55 20.26 7.74 -7.34
CA GLU B 55 21.16 6.85 -8.06
C GLU B 55 22.05 7.60 -9.05
N GLU B 56 21.51 8.67 -9.64
CA GLU B 56 22.28 9.44 -10.59
C GLU B 56 23.33 10.29 -9.83
N ALA B 57 22.94 10.83 -8.68
CA ALA B 57 23.88 11.53 -7.80
C ALA B 57 25.02 10.63 -7.34
N GLU B 58 24.69 9.41 -6.96
CA GLU B 58 25.69 8.41 -6.57
C GLU B 58 26.68 8.20 -7.72
N LYS B 59 26.16 7.96 -8.92
CA LYS B 59 27.00 7.75 -10.10
C LYS B 59 27.87 8.96 -10.41
N GLU B 60 27.36 10.16 -10.17
CA GLU B 60 28.11 11.39 -10.40
C GLU B 60 29.09 11.73 -9.27
N GLY B 61 29.18 10.90 -8.21
CA GLY B 61 30.10 11.12 -7.10
C GLY B 61 29.65 12.16 -6.11
N LEU B 62 28.35 12.42 -5.99
CA LEU B 62 27.88 13.49 -5.11
C LEU B 62 27.43 13.00 -3.74
N ILE B 63 27.43 11.70 -3.53
CA ILE B 63 26.94 11.10 -2.28
C ILE B 63 27.95 10.09 -1.76
N ASP B 64 28.54 10.44 -0.62
CA ASP B 64 29.31 9.50 0.20
C ASP B 64 28.37 8.90 1.25
N LYS B 65 28.89 7.92 1.97
CA LYS B 65 28.06 7.20 2.96
C LYS B 65 27.63 8.09 4.12
N ASP B 66 28.40 9.13 4.42
CA ASP B 66 28.04 10.12 5.44
C ASP B 66 27.59 11.48 4.87
N THR B 67 27.26 11.53 3.56
CA THR B 67 26.61 12.71 3.00
C THR B 67 25.18 12.78 3.55
N VAL B 68 24.75 13.96 4.00
CA VAL B 68 23.41 14.13 4.51
C VAL B 68 22.53 14.62 3.35
N ILE B 69 21.46 13.89 3.08
CA ILE B 69 20.53 14.23 2.00
C ILE B 69 19.55 15.19 2.59
N ILE B 70 19.31 16.31 1.94
CA ILE B 70 18.37 17.27 2.46
C ILE B 70 17.42 17.70 1.34
N GLU B 71 16.14 17.82 1.66
CA GLU B 71 15.14 18.13 0.62
C GLU B 71 13.93 18.81 1.22
N ALA B 72 13.40 19.79 0.50
CA ALA B 72 12.08 20.37 0.82
C ALA B 72 11.04 19.56 0.08
N THR B 73 9.97 19.20 0.76
CA THR B 73 8.96 18.35 0.16
C THR B 73 7.60 18.62 0.79
N SER B 74 6.54 18.31 0.03
CA SER B 74 5.16 18.38 0.50
C SER B 74 4.84 17.08 1.24
N GLY B 75 5.64 16.06 1.03
CA GLY B 75 5.52 14.85 1.83
C GLY B 75 5.96 13.64 1.10
N ASN B 76 5.36 13.37 -0.07
CA ASN B 76 5.64 12.08 -0.68
C ASN B 76 7.05 11.94 -1.19
N THR B 77 7.63 13.02 -1.70
CA THR B 77 9.05 12.93 -2.06
C THR B 77 9.89 12.61 -0.82
N GLY B 78 9.58 13.26 0.29
CA GLY B 78 10.23 12.92 1.58
C GLY B 78 10.08 11.48 2.00
N ILE B 79 8.90 10.91 1.79
CA ILE B 79 8.66 9.48 2.06
C ILE B 79 9.45 8.54 1.17
N GLY B 80 9.41 8.82 -0.13
CA GLY B 80 10.21 8.04 -1.09
C GLY B 80 11.71 8.08 -0.82
N LEU B 81 12.21 9.26 -0.58
CA LEU B 81 13.61 9.47 -0.15
C LEU B 81 13.92 8.76 1.20
N ALA B 82 13.01 8.85 2.15
CA ALA B 82 13.20 8.21 3.48
C ALA B 82 13.37 6.73 3.33
N MET B 83 12.49 6.14 2.53
CA MET B 83 12.54 4.70 2.27
C MET B 83 13.80 4.25 1.56
N ILE B 84 14.19 4.97 0.51
CA ILE B 84 15.42 4.67 -0.21
C ILE B 84 16.64 4.86 0.70
N CYS B 85 16.65 5.93 1.48
CA CYS B 85 17.76 6.18 2.40
C CYS B 85 17.86 5.14 3.51
N ALA B 86 16.73 4.58 3.93
CA ALA B 86 16.72 3.46 4.87
C ALA B 86 17.47 2.28 4.30
N VAL B 87 17.14 1.91 3.06
CA VAL B 87 17.75 0.77 2.37
C VAL B 87 19.23 1.02 2.16
N LYS B 88 19.57 2.24 1.77
CA LYS B 88 20.95 2.56 1.42
C LYS B 88 21.81 2.95 2.65
N ASN B 89 21.16 3.11 3.80
CA ASN B 89 21.78 3.59 5.02
C ASN B 89 22.35 5.03 4.86
N TYR B 90 21.57 5.93 4.25
CA TYR B 90 21.90 7.35 4.21
C TYR B 90 21.07 8.11 5.19
N LYS B 91 21.63 9.22 5.65
CA LYS B 91 20.97 10.12 6.57
C LYS B 91 20.18 11.12 5.73
N LEU B 92 18.91 11.28 6.04
CA LEU B 92 18.01 12.20 5.35
C LEU B 92 17.41 13.15 6.34
N LYS B 93 17.43 14.44 5.97
CA LYS B 93 16.67 15.48 6.68
C LYS B 93 15.70 16.12 5.70
N ILE B 94 14.45 16.29 6.13
CA ILE B 94 13.40 16.84 5.31
C ILE B 94 12.95 18.13 5.92
N VAL B 95 12.73 19.12 5.06
CA VAL B 95 12.06 20.34 5.48
C VAL B 95 10.65 20.25 4.85
N MET B 96 9.61 20.44 5.66
CA MET B 96 8.25 20.34 5.15
C MET B 96 7.29 21.29 5.84
N PRO B 97 6.17 21.63 5.15
CA PRO B 97 5.16 22.45 5.81
C PRO B 97 4.37 21.66 6.85
N ASP B 98 4.09 22.31 7.99
CA ASP B 98 3.22 21.75 9.06
C ASP B 98 1.76 21.53 8.68
N THR B 99 1.35 22.09 7.56
CA THR B 99 0.00 21.97 7.05
C THR B 99 -0.34 20.62 6.33
N MET B 100 0.64 19.75 6.13
CA MET B 100 0.40 18.49 5.40
C MET B 100 -0.09 17.41 6.35
N SER B 101 -0.67 16.37 5.77
CA SER B 101 -1.18 15.20 6.50
C SER B 101 -0.12 14.63 7.46
N ILE B 102 -0.50 14.50 8.73
CA ILE B 102 0.41 14.10 9.83
C ILE B 102 0.94 12.69 9.56
N GLU B 103 0.16 11.88 8.82
CA GLU B 103 0.62 10.59 8.35
C GLU B 103 1.89 10.70 7.49
N ARG B 104 2.10 11.81 6.78
CA ARG B 104 3.36 11.98 6.04
C ARG B 104 4.54 12.00 6.98
N ILE B 105 4.45 12.83 8.02
CA ILE B 105 5.51 12.91 9.04
C ILE B 105 5.74 11.54 9.66
N GLN B 106 4.66 10.87 10.06
CA GLN B 106 4.80 9.59 10.73
C GLN B 106 5.46 8.55 9.83
N LEU B 107 5.20 8.62 8.53
CA LEU B 107 5.80 7.67 7.60
C LEU B 107 7.28 7.91 7.46
N MET B 108 7.65 9.18 7.29
CA MET B 108 9.10 9.53 7.18
C MET B 108 9.86 9.15 8.43
N ARG B 109 9.29 9.50 9.59
CA ARG B 109 9.94 9.11 10.85
C ARG B 109 10.05 7.57 11.03
N ALA B 110 9.07 6.81 10.53
CA ALA B 110 9.14 5.33 10.59
C ALA B 110 10.35 4.79 9.84
N TYR B 111 10.81 5.51 8.80
CA TYR B 111 12.01 5.13 8.08
C TYR B 111 13.32 5.72 8.64
N GLY B 112 13.26 6.48 9.75
CA GLY B 112 14.45 7.07 10.37
C GLY B 112 14.79 8.49 9.88
N THR B 113 13.85 9.13 9.19
CA THR B 113 14.08 10.46 8.66
C THR B 113 13.84 11.50 9.73
N GLU B 114 14.69 12.52 9.73
CA GLU B 114 14.57 13.67 10.62
C GLU B 114 13.87 14.80 9.87
N VAL B 115 12.81 15.35 10.50
CA VAL B 115 11.92 16.32 9.88
C VAL B 115 12.04 17.69 10.56
N ILE B 116 12.18 18.73 9.74
CA ILE B 116 12.18 20.13 10.20
C ILE B 116 10.94 20.78 9.58
N LEU B 117 10.21 21.52 10.41
CA LEU B 117 8.88 22.01 10.04
C LEU B 117 8.92 23.52 9.76
N THR B 118 8.19 23.91 8.72
CA THR B 118 7.96 25.33 8.39
C THR B 118 6.45 25.65 8.41
N ASP B 119 6.18 26.94 8.41
CA ASP B 119 4.81 27.50 8.36
C ASP B 119 4.15 27.18 7.02
N GLY B 120 3.16 26.30 7.03
CA GLY B 120 2.43 25.90 5.82
C GLY B 120 1.74 27.02 5.06
N SER B 121 1.36 28.10 5.75
CA SER B 121 0.74 29.28 5.09
C SER B 121 1.69 30.03 4.13
N LEU B 122 3.00 29.81 4.28
CA LEU B 122 4.03 30.34 3.38
C LEU B 122 4.45 29.38 2.24
N GLY B 123 3.81 28.21 2.14
CA GLY B 123 4.02 27.31 1.00
C GLY B 123 5.38 26.64 0.97
N MET B 124 5.68 26.01 -0.16
CA MET B 124 6.96 25.30 -0.34
C MET B 124 8.15 26.26 -0.49
N LYS B 125 7.88 27.54 -0.82
CA LYS B 125 8.92 28.57 -0.82
C LYS B 125 9.60 28.64 0.57
N ALA B 126 8.81 28.69 1.64
CA ALA B 126 9.37 28.71 3.01
C ALA B 126 10.21 27.46 3.36
N CYS B 127 9.76 26.26 2.96
CA CYS B 127 10.63 25.05 3.06
C CYS B 127 11.98 25.19 2.32
N LEU B 128 11.96 25.68 1.08
CA LEU B 128 13.19 25.89 0.29
C LEU B 128 14.12 26.93 0.96
N GLU B 129 13.54 27.97 1.54
CA GLU B 129 14.30 28.97 2.30
C GLU B 129 15.01 28.38 3.49
N LYS B 130 14.28 27.63 4.31
CA LYS B 130 14.82 27.02 5.54
C LYS B 130 15.95 26.01 5.22
N LEU B 131 15.81 25.30 4.12
CA LEU B 131 16.82 24.38 3.64
C LEU B 131 18.16 25.11 3.44
N GLU B 132 18.14 26.36 2.98
CA GLU B 132 19.38 27.17 2.89
C GLU B 132 20.05 27.35 4.23
N GLU B 133 19.25 27.63 5.26
CA GLU B 133 19.80 27.77 6.60
C GLU B 133 20.43 26.44 7.10
N LEU B 134 19.73 25.31 6.90
CA LEU B 134 20.25 24.00 7.32
C LEU B 134 21.56 23.61 6.65
N LYS B 135 21.71 23.98 5.37
CA LYS B 135 22.94 23.74 4.62
C LYS B 135 24.19 24.23 5.35
N LYS B 136 24.07 25.36 6.07
CA LYS B 136 25.21 25.97 6.77
C LYS B 136 25.72 25.13 7.94
N ASN B 137 24.85 24.35 8.58
CA ASN B 137 25.26 23.40 9.62
C ASN B 137 25.73 22.03 9.12
N GLU B 138 25.63 21.76 7.81
CA GLU B 138 26.03 20.47 7.28
C GLU B 138 27.36 20.56 6.55
N LYS B 139 28.35 19.77 7.00
CA LYS B 139 29.65 19.67 6.35
C LYS B 139 29.63 19.00 4.99
N LYS B 140 28.67 18.12 4.75
CA LYS B 140 28.63 17.38 3.51
C LYS B 140 27.16 17.02 3.24
N TYR B 141 26.63 17.56 2.15
CA TYR B 141 25.22 17.39 1.86
C TYR B 141 24.95 17.24 0.36
N PHE B 142 23.78 16.68 0.06
CA PHE B 142 23.25 16.62 -1.30
C PHE B 142 21.76 17.01 -1.24
N VAL B 143 21.38 17.97 -2.07
CA VAL B 143 20.03 18.45 -2.19
C VAL B 143 19.47 17.91 -3.53
N PRO B 144 18.55 16.94 -3.46
CA PRO B 144 18.00 16.44 -4.72
C PRO B 144 17.35 17.52 -5.59
N ASN B 145 16.64 18.45 -4.96
CA ASN B 145 16.04 19.58 -5.62
C ASN B 145 15.03 19.15 -6.72
N GLN B 146 13.98 18.48 -6.29
CA GLN B 146 12.97 17.91 -7.20
C GLN B 146 12.29 18.89 -8.15
N PHE B 147 12.18 20.17 -7.76
CA PHE B 147 11.56 21.19 -8.61
C PHE B 147 12.43 21.58 -9.82
N THR B 148 13.71 21.27 -9.77
CA THR B 148 14.64 21.56 -10.89
C THR B 148 15.42 20.38 -11.41
N ASN B 149 15.46 19.27 -10.68
CA ASN B 149 16.28 18.15 -11.04
C ASN B 149 15.66 17.42 -12.22
N VAL B 150 16.39 17.38 -13.33
CA VAL B 150 15.91 16.71 -14.51
C VAL B 150 15.59 15.22 -14.24
N ASN B 151 16.19 14.60 -13.22
CA ASN B 151 15.92 13.20 -12.96
C ASN B 151 14.54 12.91 -12.39
N ASN B 152 13.81 13.94 -11.99
CA ASN B 152 12.38 13.82 -11.66
C ASN B 152 11.59 13.44 -12.92
N PRO B 153 11.43 14.37 -13.91
CA PRO B 153 10.73 13.94 -15.12
C PRO B 153 11.38 12.76 -15.87
N LYS B 154 12.72 12.67 -15.86
CA LYS B 154 13.38 11.59 -16.54
C LYS B 154 12.98 10.23 -16.01
N ALA B 155 12.70 10.12 -14.71
CA ALA B 155 12.32 8.83 -14.13
C ALA B 155 11.04 8.32 -14.77
N HIS B 156 10.10 9.24 -14.92
CA HIS B 156 8.79 8.97 -15.52
C HIS B 156 8.85 8.69 -17.03
N TYR B 157 9.73 9.42 -17.71
CA TYR B 157 10.01 9.22 -19.13
C TYR B 157 10.51 7.78 -19.35
N GLU B 158 11.40 7.32 -18.47
CA GLU B 158 12.04 6.00 -18.61
C GLU B 158 11.21 4.81 -18.15
N THR B 159 10.39 4.99 -17.11
CA THR B 159 9.69 3.87 -16.50
C THR B 159 8.17 3.99 -16.61
N THR B 160 7.61 4.96 -15.90
CA THR B 160 6.16 5.18 -15.85
C THR B 160 5.50 5.13 -17.25
N ALA B 161 5.98 5.94 -18.18
CA ALA B 161 5.43 5.98 -19.54
C ALA B 161 5.60 4.65 -20.27
N GLU B 162 6.77 4.01 -20.13
CA GLU B 162 7.02 2.72 -20.79
C GLU B 162 6.10 1.62 -20.27
N GLU B 163 5.82 1.69 -18.97
CA GLU B 163 4.84 0.77 -18.37
C GLU B 163 3.42 0.94 -18.93
N ILE B 164 3.02 2.19 -19.17
CA ILE B 164 1.71 2.51 -19.74
C ILE B 164 1.65 1.95 -21.15
N LEU B 165 2.68 2.24 -21.94
CA LEU B 165 2.72 1.77 -23.34
C LEU B 165 2.65 0.22 -23.45
N LYS B 166 3.38 -0.46 -22.59
CA LYS B 166 3.47 -1.93 -22.63
C LYS B 166 2.19 -2.56 -22.15
N ASP B 167 1.64 -2.08 -21.03
CA ASP B 167 0.43 -2.63 -20.43
C ASP B 167 -0.80 -2.47 -21.37
N LEU B 168 -0.87 -1.36 -22.11
CA LEU B 168 -1.95 -1.11 -23.05
C LEU B 168 -1.58 -1.46 -24.51
N ASN B 169 -0.43 -2.11 -24.70
CA ASN B 169 0.06 -2.53 -26.00
C ASN B 169 0.03 -1.38 -27.02
N ASN B 170 0.52 -0.20 -26.60
CA ASN B 170 0.58 1.00 -27.41
C ASN B 170 -0.75 1.63 -27.81
N LYS B 171 -1.84 1.24 -27.17
CA LYS B 171 -3.14 1.80 -27.44
C LYS B 171 -3.49 2.73 -26.29
N VAL B 172 -3.10 3.98 -26.42
CA VAL B 172 -3.42 4.99 -25.42
C VAL B 172 -3.83 6.22 -26.15
N ASP B 173 -5.02 6.76 -25.88
CA ASP B 173 -5.49 7.98 -26.52
C ASP B 173 -5.32 9.24 -25.70
N VAL B 174 -5.43 9.10 -24.38
CA VAL B 174 -5.43 10.22 -23.50
C VAL B 174 -4.66 9.84 -22.22
N PHE B 175 -3.88 10.78 -21.69
CA PHE B 175 -3.18 10.64 -20.41
C PHE B 175 -3.46 11.89 -19.61
N ILE B 176 -3.93 11.70 -18.39
CA ILE B 176 -4.29 12.79 -17.50
C ILE B 176 -3.60 12.60 -16.15
N CYS B 177 -3.05 13.68 -15.61
CA CYS B 177 -2.10 13.58 -14.49
C CYS B 177 -2.11 14.84 -13.64
N GLY B 178 -2.18 14.68 -12.31
CA GLY B 178 -2.10 15.81 -11.40
C GLY B 178 -0.71 16.43 -11.42
N THR B 179 -0.62 17.71 -11.06
CA THR B 179 0.67 18.37 -10.99
C THR B 179 0.98 19.04 -9.66
N GLY B 180 2.25 18.95 -9.27
CA GLY B 180 2.84 19.65 -8.13
C GLY B 180 4.17 20.19 -8.63
N THR B 181 5.17 19.33 -8.73
CA THR B 181 6.39 19.70 -9.44
C THR B 181 6.15 19.78 -10.94
N GLY B 182 5.24 18.96 -11.45
CA GLY B 182 5.01 18.84 -12.88
C GLY B 182 5.80 17.73 -13.52
N GLY B 183 6.63 17.07 -12.72
CA GLY B 183 7.48 15.98 -13.21
C GLY B 183 6.79 14.74 -13.71
N SER B 184 5.81 14.22 -12.98
CA SER B 184 5.14 13.00 -13.40
C SER B 184 4.32 13.27 -14.68
N PHE B 185 3.63 14.40 -14.74
CA PHE B 185 2.92 14.75 -15.99
C PHE B 185 3.93 14.94 -17.12
N SER B 186 4.99 15.71 -16.86
CA SER B 186 5.89 16.15 -17.95
C SER B 186 6.76 15.04 -18.48
N GLY B 187 7.35 14.24 -17.59
CA GLY B 187 8.16 13.11 -18.04
C GLY B 187 7.38 12.02 -18.78
N THR B 188 6.23 11.67 -18.23
CA THR B 188 5.39 10.62 -18.80
C THR B 188 4.81 11.08 -20.14
N ALA B 189 4.27 12.29 -20.16
CA ALA B 189 3.66 12.81 -21.39
C ALA B 189 4.70 12.95 -22.51
N LYS B 190 5.91 13.36 -22.13
CA LYS B 190 7.00 13.45 -23.11
C LYS B 190 7.29 12.13 -23.81
N LYS B 191 7.46 11.04 -23.06
CA LYS B 191 7.66 9.73 -23.65
C LYS B 191 6.43 9.26 -24.46
N LEU B 192 5.25 9.38 -23.87
CA LEU B 192 4.03 8.99 -24.55
C LEU B 192 3.89 9.67 -25.93
N LYS B 193 4.10 10.99 -25.97
CA LYS B 193 4.03 11.73 -27.22
C LYS B 193 5.12 11.36 -28.21
N GLU B 194 6.31 10.96 -27.75
CA GLU B 194 7.34 10.50 -28.67
CA GLU B 194 7.33 10.52 -28.70
C GLU B 194 6.91 9.20 -29.34
N LYS B 195 6.17 8.34 -28.64
CA LYS B 195 5.76 7.06 -29.23
C LYS B 195 4.37 7.08 -29.89
N LEU B 196 3.52 7.98 -29.45
CA LEU B 196 2.15 8.03 -29.90
C LEU B 196 1.88 9.47 -30.26
N PRO B 197 2.15 9.86 -31.52
CA PRO B 197 2.00 11.27 -31.91
C PRO B 197 0.62 11.89 -31.76
N ASN B 198 -0.44 11.07 -31.73
CA ASN B 198 -1.78 11.59 -31.68
C ASN B 198 -2.34 11.56 -30.26
N ILE B 199 -1.56 11.09 -29.26
CA ILE B 199 -2.05 11.09 -27.89
C ILE B 199 -2.31 12.52 -27.36
N LYS B 200 -3.33 12.68 -26.54
CA LYS B 200 -3.61 13.93 -25.86
C LYS B 200 -3.23 13.77 -24.40
N THR B 201 -2.60 14.77 -23.83
CA THR B 201 -2.00 14.67 -22.47
C THR B 201 -2.39 15.93 -21.76
N PHE B 202 -3.00 15.80 -20.59
CA PHE B 202 -3.51 16.93 -19.83
C PHE B 202 -3.01 16.92 -18.40
N PRO B 203 -2.49 18.06 -17.92
CA PRO B 203 -2.26 18.23 -16.53
C PRO B 203 -3.50 18.73 -15.77
N VAL B 204 -3.56 18.44 -14.49
CA VAL B 204 -4.63 18.90 -13.63
C VAL B 204 -4.00 19.72 -12.54
N GLU B 205 -4.66 20.83 -12.20
CA GLU B 205 -4.29 21.65 -11.06
C GLU B 205 -5.51 21.94 -10.17
N PRO B 206 -5.28 22.43 -8.95
CA PRO B 206 -6.40 22.74 -8.08
C PRO B 206 -7.17 23.96 -8.60
N ALA B 207 -8.49 23.85 -8.71
CA ALA B 207 -9.32 25.01 -9.11
C ALA B 207 -9.13 26.21 -8.17
N SER B 208 -8.84 25.96 -6.90
CA SER B 208 -8.51 27.00 -5.91
C SER B 208 -7.06 27.52 -5.95
N SER B 209 -6.21 26.97 -6.82
CA SER B 209 -4.84 27.48 -6.99
C SER B 209 -4.49 27.30 -8.47
N PRO B 210 -5.21 28.03 -9.34
CA PRO B 210 -5.15 27.82 -10.78
C PRO B 210 -3.98 28.56 -11.45
N LEU B 211 -2.74 28.23 -11.08
CA LEU B 211 -1.57 28.96 -11.58
C LEU B 211 -1.46 28.89 -13.09
N LEU B 212 -1.56 27.69 -13.62
CA LEU B 212 -1.41 27.47 -15.06
C LEU B 212 -2.59 27.95 -15.89
N SER B 213 -3.82 27.86 -15.37
CA SER B 213 -5.01 28.20 -16.16
C SER B 213 -5.40 29.66 -15.98
N LYS B 214 -5.11 30.26 -14.82
CA LYS B 214 -5.53 31.65 -14.54
C LYS B 214 -4.45 32.61 -14.07
N GLY B 215 -3.29 32.11 -13.65
CA GLY B 215 -2.16 32.96 -13.35
C GLY B 215 -1.98 33.35 -11.90
N TYR B 216 -2.66 32.69 -10.98
CA TYR B 216 -2.51 32.98 -9.55
C TYR B 216 -2.65 31.70 -8.71
N ILE B 217 -2.16 31.76 -7.48
CA ILE B 217 -2.22 30.63 -6.56
C ILE B 217 -3.18 30.97 -5.42
N GLY B 218 -3.47 29.98 -4.59
CA GLY B 218 -4.35 30.14 -3.44
C GLY B 218 -4.29 28.91 -2.55
N PRO B 219 -4.90 29.00 -1.35
CA PRO B 219 -4.94 27.82 -0.48
C PRO B 219 -5.87 26.77 -1.06
N HIS B 220 -5.47 25.52 -0.94
CA HIS B 220 -6.33 24.42 -1.37
C HIS B 220 -6.01 23.24 -0.51
N LYS B 221 -6.82 22.21 -0.66
CA LYS B 221 -6.70 21.02 0.17
C LYS B 221 -6.25 19.78 -0.61
N ILE B 222 -5.91 19.94 -1.88
CA ILE B 222 -5.55 18.78 -2.71
C ILE B 222 -4.05 18.51 -2.51
N GLN B 223 -3.74 17.86 -1.42
CA GLN B 223 -2.37 17.63 -1.00
C GLN B 223 -1.53 16.96 -2.09
N GLY B 224 -0.35 17.53 -2.33
CA GLY B 224 0.55 17.07 -3.33
C GLY B 224 0.46 17.86 -4.61
N MET B 225 -0.72 18.40 -4.90
CA MET B 225 -0.90 19.28 -6.04
C MET B 225 -0.74 20.76 -5.68
N GLY B 226 -0.65 21.57 -6.71
CA GLY B 226 -0.50 23.00 -6.57
C GLY B 226 0.96 23.39 -6.65
N MET B 227 1.21 24.62 -7.07
CA MET B 227 2.56 25.13 -7.23
C MET B 227 2.75 26.27 -6.24
N SER B 228 3.58 26.08 -5.20
CA SER B 228 3.78 27.12 -4.17
C SER B 228 5.25 27.49 -3.93
N ILE B 229 6.13 27.22 -4.89
CA ILE B 229 7.57 27.54 -4.72
C ILE B 229 7.89 29.01 -5.08
N GLY B 230 6.92 29.73 -5.67
CA GLY B 230 7.11 31.10 -6.19
C GLY B 230 7.26 31.15 -7.71
N GLY B 231 6.62 30.23 -8.42
CA GLY B 231 6.62 30.22 -9.89
C GLY B 231 6.29 28.83 -10.41
N ILE B 232 6.35 28.67 -11.73
CA ILE B 232 6.11 27.39 -12.34
C ILE B 232 7.44 26.61 -12.23
N PRO B 233 7.40 25.38 -11.69
CA PRO B 233 8.67 24.65 -11.61
C PRO B 233 9.34 24.43 -12.96
N ALA B 234 10.67 24.40 -12.96
CA ALA B 234 11.44 24.17 -14.18
C ALA B 234 11.13 22.80 -14.81
N VAL B 235 10.82 21.82 -13.96
CA VAL B 235 10.57 20.48 -14.45
C VAL B 235 9.18 20.33 -15.09
N TYR B 236 8.33 21.32 -14.98
CA TYR B 236 7.03 21.31 -15.67
C TYR B 236 7.22 21.80 -17.13
N ASP B 237 6.74 21.02 -18.09
CA ASP B 237 6.85 21.40 -19.50
C ASP B 237 5.45 21.63 -20.03
N GLY B 238 5.06 22.89 -20.03
CA GLY B 238 3.73 23.29 -20.42
C GLY B 238 3.40 23.06 -21.86
N SER B 239 4.42 22.89 -22.72
CA SER B 239 4.15 22.65 -24.13
C SER B 239 3.46 21.31 -24.33
N LEU B 240 3.58 20.41 -23.38
CA LEU B 240 2.95 19.10 -23.53
C LEU B 240 1.45 19.11 -23.22
N ALA B 241 0.98 20.16 -22.54
CA ALA B 241 -0.41 20.24 -22.12
C ALA B 241 -1.32 20.60 -23.32
N ASP B 242 -2.24 19.71 -23.63
CA ASP B 242 -3.28 19.98 -24.63
C ASP B 242 -4.36 20.92 -24.12
N ASP B 243 -4.47 21.03 -22.80
CA ASP B 243 -5.35 21.97 -22.11
C ASP B 243 -5.02 21.81 -20.63
N ILE B 244 -5.46 22.74 -19.78
CA ILE B 244 -5.28 22.64 -18.35
C ILE B 244 -6.62 22.25 -17.72
N LEU B 245 -6.66 21.14 -16.99
CA LEU B 245 -7.88 20.71 -16.29
C LEU B 245 -7.79 21.11 -14.83
N VAL B 246 -8.93 21.32 -14.19
CA VAL B 246 -8.94 21.76 -12.80
C VAL B 246 -9.90 20.94 -11.97
N CYS B 247 -9.73 20.95 -10.65
CA CYS B 247 -10.70 20.34 -9.75
C CYS B 247 -10.82 21.12 -8.46
N GLU B 248 -12.05 21.27 -7.97
CA GLU B 248 -12.31 21.91 -6.68
C GLU B 248 -11.97 20.96 -5.57
N ASP B 249 -11.76 21.51 -4.37
CA ASP B 249 -11.37 20.68 -3.21
C ASP B 249 -12.43 19.62 -2.87
N ASP B 250 -13.68 20.07 -2.71
CA ASP B 250 -14.75 19.14 -2.34
C ASP B 250 -14.99 18.08 -3.43
N ASP B 251 -14.94 18.45 -4.71
CA ASP B 251 -15.11 17.46 -5.75
C ASP B 251 -14.03 16.38 -5.75
N ALA B 252 -12.81 16.77 -5.41
CA ALA B 252 -11.68 15.86 -5.28
C ALA B 252 -11.95 14.88 -4.16
N PHE B 253 -12.30 15.38 -2.96
CA PHE B 253 -12.69 14.52 -1.83
C PHE B 253 -13.84 13.58 -2.20
N GLU B 254 -14.87 14.11 -2.85
CA GLU B 254 -16.02 13.29 -3.21
C GLU B 254 -15.64 12.21 -4.22
N MET B 255 -14.82 12.55 -5.21
CA MET B 255 -14.40 11.54 -6.17
C MET B 255 -13.48 10.47 -5.53
N MET B 256 -12.63 10.88 -4.61
CA MET B 256 -11.82 9.93 -3.87
C MET B 256 -12.71 8.86 -3.21
N ARG B 257 -13.81 9.29 -2.60
CA ARG B 257 -14.79 8.38 -2.00
C ARG B 257 -15.54 7.54 -3.00
N GLU B 258 -15.93 8.12 -4.15
CA GLU B 258 -16.56 7.34 -5.22
C GLU B 258 -15.67 6.20 -5.69
N LEU B 259 -14.38 6.47 -5.87
CA LEU B 259 -13.43 5.45 -6.28
C LEU B 259 -13.34 4.32 -5.28
N SER B 260 -13.27 4.63 -3.99
CA SER B 260 -13.19 3.55 -2.99
C SER B 260 -14.51 2.75 -2.88
N PHE B 261 -15.65 3.44 -2.86
CA PHE B 261 -16.99 2.80 -2.76
C PHE B 261 -17.30 1.93 -3.97
N LYS B 262 -16.99 2.43 -5.16
CA LYS B 262 -17.42 1.79 -6.40
C LYS B 262 -16.37 0.90 -7.04
N GLU B 263 -15.08 1.18 -6.79
CA GLU B 263 -14.02 0.40 -7.46
C GLU B 263 -13.08 -0.34 -6.51
N GLY B 264 -13.22 -0.09 -5.22
CA GLY B 264 -12.27 -0.62 -4.24
C GLY B 264 -10.88 -0.01 -4.39
N ILE B 265 -10.79 1.14 -5.08
CA ILE B 265 -9.51 1.85 -5.27
C ILE B 265 -9.42 2.91 -4.19
N LEU B 266 -8.40 2.81 -3.37
CA LEU B 266 -8.19 3.76 -2.30
C LEU B 266 -7.01 4.63 -2.71
N GLY B 267 -7.33 5.75 -3.36
CA GLY B 267 -6.33 6.70 -3.83
C GLY B 267 -6.35 7.92 -2.93
N GLY B 268 -5.33 8.77 -3.10
CA GLY B 268 -5.25 10.01 -2.35
C GLY B 268 -6.22 11.08 -2.83
N ILE B 269 -6.12 12.24 -2.21
CA ILE B 269 -6.98 13.37 -2.60
C ILE B 269 -6.67 13.82 -4.05
N SER B 270 -5.39 13.83 -4.42
CA SER B 270 -5.00 14.17 -5.80
C SER B 270 -5.53 13.16 -6.82
N THR B 271 -5.66 11.90 -6.42
CA THR B 271 -6.25 10.87 -7.27
C THR B 271 -7.72 11.19 -7.55
N GLY B 272 -8.44 11.60 -6.50
CA GLY B 272 -9.81 12.05 -6.61
C GLY B 272 -9.91 13.24 -7.57
N ALA B 273 -9.00 14.19 -7.43
CA ALA B 273 -8.95 15.36 -8.32
C ALA B 273 -8.67 15.00 -9.76
N THR B 274 -7.65 14.18 -9.97
CA THR B 274 -7.23 13.81 -11.32
C THR B 274 -8.28 12.94 -12.02
N PHE B 275 -8.85 12.01 -11.25
CA PHE B 275 -9.91 11.18 -11.78
C PHE B 275 -11.17 12.00 -12.12
N LYS B 276 -11.58 12.93 -11.24
CA LYS B 276 -12.73 13.79 -11.52
CA LYS B 276 -12.73 13.80 -11.52
C LYS B 276 -12.50 14.52 -12.84
N ALA B 277 -11.31 15.07 -13.01
CA ALA B 277 -10.98 15.80 -14.24
C ALA B 277 -11.07 14.89 -15.44
N ALA B 278 -10.58 13.67 -15.30
CA ALA B 278 -10.64 12.68 -16.35
C ALA B 278 -12.07 12.22 -16.71
N LEU B 279 -12.89 12.00 -15.69
CA LEU B 279 -14.27 11.59 -15.92
C LEU B 279 -15.06 12.69 -16.62
N ASP B 280 -14.86 13.94 -16.20
CA ASP B 280 -15.42 15.12 -16.91
C ASP B 280 -15.01 15.18 -18.36
N TYR B 281 -13.72 14.95 -18.61
CA TYR B 281 -13.17 14.88 -19.95
C TYR B 281 -13.85 13.77 -20.74
N SER B 282 -13.98 12.60 -20.13
CA SER B 282 -14.64 11.49 -20.81
C SER B 282 -16.11 11.85 -21.19
N LYS B 283 -16.81 12.46 -20.25
CA LYS B 283 -18.20 12.86 -20.47
C LYS B 283 -18.30 13.85 -21.65
N GLU B 284 -17.39 14.80 -21.72
CA GLU B 284 -17.30 15.75 -22.83
C GLU B 284 -16.95 15.09 -24.16
N ASN B 285 -16.30 13.93 -24.11
CA ASN B 285 -15.88 13.19 -25.28
C ASN B 285 -16.54 11.80 -25.32
N ALA B 286 -17.82 11.78 -24.97
CA ALA B 286 -18.55 10.54 -24.72
C ALA B 286 -18.63 9.66 -25.96
N ASP B 287 -18.58 8.35 -25.75
CA ASP B 287 -18.86 7.37 -26.78
C ASP B 287 -17.85 7.36 -27.93
N LYS B 288 -16.59 7.71 -27.67
CA LYS B 288 -15.56 7.67 -28.71
C LYS B 288 -14.71 6.43 -28.64
N GLY B 289 -14.95 5.55 -27.67
CA GLY B 289 -14.07 4.40 -27.45
C GLY B 289 -12.62 4.77 -27.12
N LEU B 290 -12.39 5.93 -26.51
CA LEU B 290 -11.05 6.33 -26.08
C LEU B 290 -10.51 5.42 -24.93
N LYS B 291 -9.22 5.15 -24.99
CA LYS B 291 -8.44 4.61 -23.88
C LYS B 291 -7.75 5.77 -23.12
N ILE B 292 -8.24 6.00 -21.91
CA ILE B 292 -7.85 7.15 -21.10
C ILE B 292 -7.11 6.60 -19.89
N VAL B 293 -5.92 7.13 -19.63
CA VAL B 293 -5.11 6.66 -18.50
C VAL B 293 -5.01 7.84 -17.53
N VAL B 294 -5.30 7.54 -16.26
CA VAL B 294 -5.24 8.48 -15.16
C VAL B 294 -4.13 7.96 -14.24
N LEU B 295 -3.17 8.83 -13.93
CA LEU B 295 -2.16 8.51 -12.93
C LEU B 295 -2.70 8.78 -11.55
N SER B 296 -2.78 7.73 -10.73
CA SER B 296 -3.11 7.85 -9.28
C SER B 296 -1.80 7.99 -8.54
N THR B 297 -1.50 9.17 -8.04
CA THR B 297 -0.15 9.46 -7.56
C THR B 297 0.16 8.78 -6.22
N ASP B 298 -0.83 8.67 -5.33
CA ASP B 298 -0.59 7.94 -4.10
C ASP B 298 -1.82 7.22 -3.56
N SER B 299 -1.62 6.36 -2.58
CA SER B 299 -2.74 5.65 -1.98
C SER B 299 -3.41 6.55 -0.91
N GLY B 300 -4.64 6.21 -0.56
CA GLY B 300 -5.49 7.03 0.27
C GLY B 300 -5.39 6.82 1.78
N GLU B 301 -4.66 5.80 2.22
CA GLU B 301 -4.62 5.44 3.64
C GLU B 301 -4.12 6.60 4.49
N LYS B 302 -3.21 7.41 3.95
CA LYS B 302 -2.64 8.50 4.73
C LYS B 302 -3.56 9.72 4.86
N TYR B 303 -4.78 9.68 4.33
CA TYR B 303 -5.71 10.81 4.42
C TYR B 303 -7.01 10.53 5.24
N LEU B 304 -7.10 9.40 5.93
CA LEU B 304 -8.39 9.04 6.56
C LEU B 304 -8.65 9.67 7.94
N1 PLP C . -1.28 -10.30 11.36
C2 PLP C . -2.29 -9.45 10.94
C2A PLP C . -1.98 -7.99 10.72
C3 PLP C . -3.54 -9.99 10.63
O3 PLP C . -4.52 -9.19 10.18
C4 PLP C . -3.82 -11.35 10.84
C4A PLP C . -5.20 -11.96 10.61
C5 PLP C . -2.79 -12.19 11.31
C6 PLP C . -1.53 -11.64 11.56
C5A PLP C . -3.03 -13.66 11.54
O4P PLP C . -3.26 -14.45 10.35
P PLP C . -4.23 -15.71 10.34
O1P PLP C . -4.04 -16.22 8.97
O2P PLP C . -5.55 -15.23 10.82
O3P PLP C . -3.65 -16.70 11.35
C ACT D . -20.59 -1.90 1.07
O ACT D . -21.00 -0.89 0.40
OXT ACT D . -21.21 -2.29 2.08
CH3 ACT D . -19.33 -2.63 0.72
C ACT E . -21.74 -17.47 12.40
O ACT E . -21.02 -18.23 11.74
OXT ACT E . -22.88 -17.17 12.03
CH3 ACT E . -21.21 -16.87 13.66
CA CA F . -22.60 -0.13 2.10
CA CA G . 27.79 -14.16 11.29
CA CA H . -20.76 -26.53 -5.02
C1 PEG I . -6.20 -29.07 1.12
O1 PEG I . -6.45 -29.06 -0.27
C2 PEG I . -6.68 -27.74 1.66
O2 PEG I . -6.45 -27.69 3.06
C3 PEG I . -7.34 -26.84 3.76
C4 PEG I . -7.38 -27.28 5.20
O4 PEG I . -8.70 -27.73 5.50
C1 PEG J . 18.25 -11.88 18.40
O1 PEG J . 17.93 -13.25 18.27
C2 PEG J . 17.57 -11.09 17.29
O2 PEG J . 17.67 -9.69 17.49
C3 PEG J . 16.72 -9.13 18.40
C4 PEG J . 17.01 -7.65 18.55
O4 PEG J . 15.78 -6.93 18.50
CA CA K . -21.32 -0.67 -1.94
N1 PLP L . -0.26 14.01 -5.83
C2 PLP L . 0.50 13.64 -4.75
C2A PLP L . -0.15 12.87 -3.63
C3 PLP L . 1.86 13.98 -4.75
O3 PLP L . 2.62 13.62 -3.72
C4 PLP L . 2.43 14.70 -5.83
C4A PLP L . 3.90 15.08 -5.85
C5 PLP L . 1.61 15.05 -6.90
C6 PLP L . 0.27 14.70 -6.88
C5A PLP L . 2.11 15.81 -8.12
O4P PLP L . 3.11 15.07 -8.86
P PLP L . 4.35 15.85 -9.55
O1P PLP L . 3.70 16.94 -10.38
O2P PLP L . 5.15 16.46 -8.47
O3P PLP L . 4.98 14.74 -10.30
C ACT M . 6.73 16.41 -3.14
O ACT M . 7.62 16.79 -2.34
OXT ACT M . 6.19 15.28 -3.00
CH3 ACT M . 6.30 17.33 -4.25
CA CA N . -17.47 22.66 -4.84
CA CA O . 8.04 9.39 -32.66
CA CA P . -1.11 18.76 -29.17
C1 PEG Q . 14.40 13.08 -21.89
O1 PEG Q . 15.61 12.39 -21.67
C2 PEG Q . 13.64 13.19 -20.59
O2 PEG Q . 13.76 14.51 -20.11
C3 PEG Q . 12.62 15.19 -19.62
C4 PEG Q . 12.82 16.64 -20.01
O4 PEG Q . 13.78 17.17 -19.11
C1 PEG R . 3.00 30.68 -0.97
O1 PEG R . 2.10 31.13 0.04
C2 PEG R . 3.55 31.92 -1.63
O2 PEG R . 4.33 31.57 -2.79
C3 PEG R . 4.52 32.65 -3.70
C4 PEG R . 5.69 33.52 -3.24
O4 PEG R . 5.31 34.90 -3.30
#